data_8E12
#
_entry.id   8E12
#
_cell.length_a   59.330
_cell.length_b   59.330
_cell.length_c   260.327
_cell.angle_alpha   90.000
_cell.angle_beta   90.000
_cell.angle_gamma   120.000
#
_symmetry.space_group_name_H-M   'P 32 2 1'
#
loop_
_entity.id
_entity.type
_entity.pdbx_description
1 polymer BGL14
2 water water
#
_entity_poly.entity_id   1
_entity_poly.type   'polypeptide(L)'
_entity_poly.pdbx_seq_one_letter_code
;SAEEELKKLLEENIKLIEELLEEVKHNDPELLLSVLEVLVRSVHVIAEVAREQGNEELLERAARLAEEAAYQAEEVAREA
RKRGNLELALKALQILVNAAYVLAEIARDRGNEELLQKAHELAREALRQVKEILEQARKEGNLELVIIALRLHTEIMRVL
VEIWRHR
;
_entity_poly.pdbx_strand_id   A,B,C
#
# COMPACT_ATOMS: atom_id res chain seq x y z
N GLU A 3 28.77 -8.40 -5.67
CA GLU A 3 28.55 -9.45 -6.65
C GLU A 3 27.95 -10.69 -6.01
N GLU A 4 26.71 -10.58 -5.56
CA GLU A 4 26.00 -11.68 -4.92
C GLU A 4 25.07 -12.34 -5.94
N GLU A 5 24.14 -13.15 -5.44
CA GLU A 5 23.16 -13.79 -6.30
C GLU A 5 21.99 -12.88 -6.64
N LEU A 6 21.68 -11.92 -5.74
CA LEU A 6 20.61 -10.98 -6.02
C LEU A 6 20.99 -10.02 -7.15
N LYS A 7 22.29 -9.78 -7.34
CA LYS A 7 22.74 -8.87 -8.39
C LYS A 7 22.25 -9.32 -9.76
N LYS A 8 22.18 -10.63 -10.00
CA LYS A 8 21.65 -11.14 -11.25
C LYS A 8 20.17 -10.81 -11.40
N LEU A 9 19.40 -10.96 -10.33
CA LEU A 9 17.97 -10.66 -10.38
C LEU A 9 17.73 -9.19 -10.69
N LEU A 10 18.55 -8.30 -10.12
CA LEU A 10 18.40 -6.87 -10.40
C LEU A 10 18.61 -6.58 -11.87
N GLU A 11 19.68 -7.12 -12.47
CA GLU A 11 19.92 -6.91 -13.90
C GLU A 11 18.83 -7.55 -14.75
N GLU A 12 18.34 -8.72 -14.33
CA GLU A 12 17.28 -9.38 -15.09
C GLU A 12 16.00 -8.55 -15.08
N ASN A 13 15.70 -7.88 -13.97
CA ASN A 13 14.48 -7.09 -13.87
C ASN A 13 14.53 -5.88 -14.80
N ILE A 14 15.63 -5.14 -14.80
CA ILE A 14 15.75 -3.93 -15.62
C ILE A 14 15.68 -4.28 -17.10
N LYS A 15 16.24 -5.42 -17.50
CA LYS A 15 16.19 -5.81 -18.90
C LYS A 15 14.75 -6.04 -19.37
N LEU A 16 13.97 -6.74 -18.55
CA LEU A 16 12.56 -6.97 -18.91
C LEU A 16 11.76 -5.68 -18.90
N ILE A 17 12.05 -4.78 -17.95
CA ILE A 17 11.31 -3.53 -17.87
C ILE A 17 11.65 -2.63 -19.06
N GLU A 18 12.93 -2.48 -19.36
CA GLU A 18 13.35 -1.59 -20.43
C GLU A 18 12.82 -2.06 -21.79
N GLU A 19 12.86 -3.37 -22.03
CA GLU A 19 12.36 -3.91 -23.29
C GLU A 19 10.85 -3.67 -23.43
N LEU A 20 10.10 -3.85 -22.36
CA LEU A 20 8.65 -3.61 -22.41
C LEU A 20 8.34 -2.13 -22.59
N LEU A 21 9.10 -1.24 -21.94
CA LEU A 21 8.80 0.18 -21.99
C LEU A 21 8.82 0.70 -23.43
N GLU A 22 9.82 0.28 -24.21
CA GLU A 22 9.88 0.68 -25.62
C GLU A 22 8.74 0.08 -26.42
N GLU A 23 8.31 -1.14 -26.08
CA GLU A 23 7.26 -1.81 -26.85
C GLU A 23 5.90 -1.16 -26.67
N VAL A 24 5.58 -0.70 -25.45
CA VAL A 24 4.25 -0.16 -25.17
C VAL A 24 4.13 1.33 -25.48
N LYS A 25 5.22 1.99 -25.86
CA LYS A 25 5.17 3.44 -26.08
C LYS A 25 4.17 3.80 -27.19
N HIS A 26 4.16 3.02 -28.27
CA HIS A 26 3.23 3.24 -29.37
C HIS A 26 1.88 2.57 -29.16
N ASN A 27 1.74 1.75 -28.12
CA ASN A 27 0.51 0.99 -27.91
C ASN A 27 -0.56 1.85 -27.26
N ASP A 28 -0.66 1.83 -25.93
CA ASP A 28 -1.68 2.59 -25.22
C ASP A 28 -1.07 3.21 -23.96
N PRO A 29 -1.43 4.45 -23.62
CA PRO A 29 -0.87 5.06 -22.40
C PRO A 29 -1.15 4.27 -21.12
N GLU A 30 -2.33 3.66 -21.00
CA GLU A 30 -2.66 2.92 -19.78
C GLU A 30 -1.68 1.78 -19.53
N LEU A 31 -1.35 0.99 -20.55
CA LEU A 31 -0.34 -0.05 -20.38
C LEU A 31 1.04 0.56 -20.14
N LEU A 32 1.34 1.66 -20.81
CA LEU A 32 2.62 2.34 -20.58
C LEU A 32 2.71 2.84 -19.15
N LEU A 33 1.61 3.34 -18.60
CA LEU A 33 1.61 3.77 -17.21
C LEU A 33 1.82 2.60 -16.25
N SER A 34 1.31 1.42 -16.59
CA SER A 34 1.44 0.28 -15.69
C SER A 34 2.90 -0.16 -15.58
N VAL A 35 3.60 -0.26 -16.71
CA VAL A 35 5.02 -0.63 -16.65
C VAL A 35 5.82 0.49 -16.02
N LEU A 36 5.46 1.75 -16.29
CA LEU A 36 6.14 2.88 -15.67
C LEU A 36 5.96 2.86 -14.16
N GLU A 37 4.79 2.41 -13.68
CA GLU A 37 4.57 2.29 -12.24
C GLU A 37 5.52 1.28 -11.62
N VAL A 38 5.76 0.16 -12.28
CA VAL A 38 6.69 -0.83 -11.77
C VAL A 38 8.13 -0.31 -11.84
N LEU A 39 8.43 0.50 -12.85
CA LEU A 39 9.79 1.04 -13.00
C LEU A 39 10.20 1.81 -11.75
N VAL A 40 9.36 2.75 -11.31
CA VAL A 40 9.68 3.49 -10.09
C VAL A 40 9.63 2.58 -8.88
N ARG A 41 8.77 1.56 -8.89
CA ARG A 41 8.77 0.57 -7.81
C ARG A 41 10.06 -0.25 -7.83
N SER A 42 10.53 -0.62 -9.02
CA SER A 42 11.79 -1.37 -9.11
C SER A 42 12.97 -0.50 -8.72
N VAL A 43 12.96 0.77 -9.15
CA VAL A 43 14.08 1.66 -8.86
C VAL A 43 14.20 1.88 -7.36
N HIS A 44 13.06 1.92 -6.65
CA HIS A 44 13.10 2.11 -5.22
C HIS A 44 13.81 0.96 -4.51
N VAL A 45 13.59 -0.27 -4.99
CA VAL A 45 14.25 -1.41 -4.36
C VAL A 45 15.71 -1.52 -4.77
N ILE A 46 16.06 -1.05 -5.98
CA ILE A 46 17.46 -1.09 -6.40
C ILE A 46 18.26 -0.01 -5.69
N ALA A 47 17.63 1.11 -5.33
CA ALA A 47 18.31 2.14 -4.56
C ALA A 47 18.62 1.65 -3.15
N GLU A 48 17.72 0.86 -2.55
CA GLU A 48 17.93 0.36 -1.20
C GLU A 48 19.08 -0.64 -1.11
N VAL A 49 19.41 -1.33 -2.22
CA VAL A 49 20.47 -2.32 -2.18
C VAL A 49 21.81 -1.76 -2.67
N ALA A 50 21.79 -0.65 -3.40
CA ALA A 50 23.04 0.00 -3.77
C ALA A 50 23.57 0.87 -2.65
N ARG A 51 22.68 1.42 -1.82
CA ARG A 51 23.11 2.11 -0.63
C ARG A 51 23.62 1.13 0.43
N GLU A 52 23.08 -0.09 0.45
CA GLU A 52 23.54 -1.09 1.41
C GLU A 52 24.83 -1.75 0.97
N GLN A 53 24.98 -2.01 -0.33
CA GLN A 53 26.18 -2.64 -0.87
C GLN A 53 27.27 -1.64 -1.24
N GLY A 54 27.01 -0.35 -1.09
CA GLY A 54 28.01 0.65 -1.43
C GLY A 54 28.33 0.75 -2.90
N ASN A 55 27.42 0.32 -3.78
CA ASN A 55 27.64 0.38 -5.22
C ASN A 55 27.20 1.75 -5.69
N GLU A 56 28.12 2.72 -5.61
CA GLU A 56 27.80 4.09 -5.99
C GLU A 56 27.45 4.20 -7.47
N GLU A 57 27.99 3.31 -8.31
CA GLU A 57 27.66 3.34 -9.73
C GLU A 57 26.18 3.03 -9.95
N LEU A 58 25.62 2.12 -9.15
CA LEU A 58 24.21 1.77 -9.27
C LEU A 58 23.29 2.94 -8.91
N LEU A 59 23.75 3.84 -8.03
CA LEU A 59 22.92 5.00 -7.69
C LEU A 59 22.66 5.86 -8.92
N GLU A 60 23.67 6.07 -9.76
CA GLU A 60 23.47 6.83 -10.99
C GLU A 60 22.54 6.10 -11.94
N ARG A 61 22.68 4.78 -12.04
CA ARG A 61 21.80 4.00 -12.91
C ARG A 61 20.36 4.05 -12.43
N ALA A 62 20.14 3.81 -11.13
CA ALA A 62 18.78 3.80 -10.61
C ALA A 62 18.17 5.20 -10.65
N ALA A 63 18.96 6.23 -10.36
CA ALA A 63 18.45 7.60 -10.44
C ALA A 63 18.07 7.97 -11.86
N ARG A 64 18.87 7.52 -12.84
CA ARG A 64 18.55 7.82 -14.23
C ARG A 64 17.25 7.16 -14.66
N LEU A 65 17.02 5.92 -14.21
CA LEU A 65 15.78 5.24 -14.58
C LEU A 65 14.57 5.91 -13.96
N ALA A 66 14.68 6.35 -12.70
CA ALA A 66 13.60 7.09 -12.08
C ALA A 66 13.38 8.41 -12.78
N GLU A 67 14.47 9.07 -13.19
CA GLU A 67 14.35 10.29 -13.98
C GLU A 67 13.67 10.02 -15.31
N GLU A 68 14.04 8.91 -15.96
CA GLU A 68 13.44 8.58 -17.25
C GLU A 68 11.98 8.18 -17.09
N ALA A 69 11.66 7.48 -15.99
CA ALA A 69 10.26 7.16 -15.72
C ALA A 69 9.46 8.42 -15.42
N ALA A 70 10.10 9.41 -14.78
CA ALA A 70 9.42 10.66 -14.49
C ALA A 70 9.04 11.40 -15.77
N TYR A 71 10.00 11.52 -16.70
CA TYR A 71 9.71 12.25 -17.94
C TYR A 71 8.75 11.46 -18.82
N GLN A 72 8.85 10.13 -18.80
CA GLN A 72 7.90 9.31 -19.55
C GLN A 72 6.50 9.44 -18.99
N ALA A 73 6.37 9.50 -17.66
CA ALA A 73 5.07 9.73 -17.05
C ALA A 73 4.55 11.13 -17.38
N GLU A 74 5.45 12.11 -17.47
CA GLU A 74 5.02 13.49 -17.74
C GLU A 74 4.44 13.65 -19.15
N GLU A 75 5.06 13.04 -20.17
CA GLU A 75 4.57 13.20 -21.52
C GLU A 75 3.17 12.61 -21.69
N VAL A 76 2.93 11.43 -21.14
CA VAL A 76 1.59 10.86 -21.21
C VAL A 76 0.62 11.69 -20.37
N ALA A 77 1.09 12.29 -19.28
CA ALA A 77 0.23 13.16 -18.48
C ALA A 77 -0.13 14.42 -19.27
N ARG A 78 0.83 14.97 -20.01
CA ARG A 78 0.57 16.17 -20.81
C ARG A 78 -0.41 15.88 -21.94
N GLU A 79 -0.21 14.76 -22.65
CA GLU A 79 -1.07 14.41 -23.77
C GLU A 79 -2.47 14.03 -23.29
N ALA A 80 -2.57 13.36 -22.14
CA ALA A 80 -3.89 12.95 -21.64
C ALA A 80 -4.76 14.17 -21.33
N ARG A 81 -4.18 15.18 -20.69
CA ARG A 81 -4.95 16.39 -20.40
C ARG A 81 -5.36 17.09 -21.70
N LYS A 82 -4.49 17.08 -22.71
CA LYS A 82 -4.84 17.67 -24.00
C LYS A 82 -5.98 16.91 -24.67
N ARG A 83 -5.98 15.59 -24.57
CA ARG A 83 -7.01 14.76 -25.17
C ARG A 83 -8.31 14.73 -24.36
N GLY A 84 -8.34 15.38 -23.21
CA GLY A 84 -9.54 15.43 -22.40
C GLY A 84 -9.71 14.31 -21.40
N ASN A 85 -8.72 13.43 -21.26
CA ASN A 85 -8.78 12.33 -20.30
C ASN A 85 -8.05 12.79 -19.05
N LEU A 86 -8.80 13.36 -18.11
CA LEU A 86 -8.21 13.84 -16.86
C LEU A 86 -7.83 12.70 -15.93
N GLU A 87 -8.53 11.56 -16.04
CA GLU A 87 -8.22 10.42 -15.18
C GLU A 87 -6.85 9.85 -15.52
N LEU A 88 -6.61 9.56 -16.80
CA LEU A 88 -5.30 9.06 -17.22
C LEU A 88 -4.22 10.09 -16.92
N ALA A 89 -4.53 11.37 -17.06
CA ALA A 89 -3.57 12.42 -16.72
C ALA A 89 -3.25 12.38 -15.23
N LEU A 90 -4.28 12.38 -14.38
CA LEU A 90 -4.06 12.32 -12.94
C LEU A 90 -3.36 11.02 -12.55
N LYS A 91 -3.71 9.92 -13.21
CA LYS A 91 -3.02 8.66 -12.97
C LYS A 91 -1.55 8.76 -13.33
N ALA A 92 -1.23 9.40 -14.46
CA ALA A 92 0.16 9.54 -14.89
C ALA A 92 0.95 10.40 -13.93
N LEU A 93 0.34 11.45 -13.40
CA LEU A 93 1.03 12.31 -12.44
C LEU A 93 1.46 11.55 -11.20
N GLN A 94 0.72 10.51 -10.83
CA GLN A 94 1.08 9.71 -9.66
C GLN A 94 2.45 9.06 -9.83
N ILE A 95 2.69 8.43 -10.98
CA ILE A 95 4.00 7.85 -11.22
C ILE A 95 5.06 8.94 -11.29
N LEU A 96 4.70 10.13 -11.75
CA LEU A 96 5.66 11.23 -11.83
C LEU A 96 6.17 11.61 -10.44
N VAL A 97 5.24 11.86 -9.51
CA VAL A 97 5.64 12.28 -8.16
C VAL A 97 6.38 11.15 -7.45
N ASN A 98 5.93 9.90 -7.65
CA ASN A 98 6.65 8.76 -7.09
C ASN A 98 8.06 8.67 -7.64
N ALA A 99 8.22 8.90 -8.95
CA ALA A 99 9.57 8.96 -9.53
C ALA A 99 10.36 10.14 -8.96
N ALA A 100 9.69 11.28 -8.76
CA ALA A 100 10.34 12.41 -8.13
C ALA A 100 10.68 12.12 -6.68
N TYR A 101 9.82 11.36 -6.00
CA TYR A 101 10.06 11.06 -4.58
C TYR A 101 11.33 10.24 -4.41
N VAL A 102 11.47 9.16 -5.17
CA VAL A 102 12.67 8.34 -5.05
C VAL A 102 13.90 9.12 -5.52
N LEU A 103 13.72 10.03 -6.49
CA LEU A 103 14.84 10.86 -6.92
C LEU A 103 15.25 11.82 -5.80
N ALA A 104 14.29 12.39 -5.09
CA ALA A 104 14.61 13.25 -3.96
C ALA A 104 15.29 12.47 -2.85
N GLU A 105 14.82 11.24 -2.58
CA GLU A 105 15.44 10.42 -1.55
C GLU A 105 16.88 10.05 -1.91
N ILE A 106 17.12 9.69 -3.17
CA ILE A 106 18.49 9.40 -3.60
C ILE A 106 19.34 10.66 -3.54
N ALA A 107 18.75 11.81 -3.87
CA ALA A 107 19.50 13.07 -3.86
C ALA A 107 19.99 13.40 -2.45
N ARG A 108 19.11 13.25 -1.45
CA ARG A 108 19.50 13.56 -0.08
C ARG A 108 20.58 12.61 0.42
N ASP A 109 20.53 11.34 0.03
CA ASP A 109 21.52 10.39 0.49
C ASP A 109 22.86 10.60 -0.22
N ARG A 110 22.82 10.69 -1.56
CA ARG A 110 24.05 10.86 -2.33
C ARG A 110 24.65 12.26 -2.18
N GLY A 111 23.85 13.23 -1.72
CA GLY A 111 24.33 14.59 -1.59
C GLY A 111 24.33 15.41 -2.86
N ASN A 112 23.65 14.93 -3.90
CA ASN A 112 23.58 15.64 -5.18
C ASN A 112 22.57 16.77 -5.05
N GLU A 113 23.08 18.00 -4.85
CA GLU A 113 22.18 19.14 -4.73
C GLU A 113 21.45 19.43 -6.04
N GLU A 114 22.09 19.11 -7.18
CA GLU A 114 21.43 19.29 -8.46
C GLU A 114 20.27 18.30 -8.63
N LEU A 115 20.44 17.07 -8.13
CA LEU A 115 19.34 16.10 -8.19
C LEU A 115 18.19 16.51 -7.29
N LEU A 116 18.48 17.12 -6.14
CA LEU A 116 17.41 17.55 -5.24
C LEU A 116 16.55 18.62 -5.88
N GLN A 117 17.16 19.60 -6.56
CA GLN A 117 16.36 20.60 -7.26
C GLN A 117 15.65 20.00 -8.46
N LYS A 118 16.28 19.04 -9.14
CA LYS A 118 15.62 18.38 -10.27
C LYS A 118 14.36 17.66 -9.81
N ALA A 119 14.46 16.91 -8.70
CA ALA A 119 13.27 16.31 -8.11
C ALA A 119 12.30 17.38 -7.64
N HIS A 120 12.82 18.51 -7.13
CA HIS A 120 11.96 19.58 -6.68
C HIS A 120 11.16 20.18 -7.83
N GLU A 121 11.82 20.42 -8.97
CA GLU A 121 11.11 20.96 -10.13
C GLU A 121 10.11 19.96 -10.67
N LEU A 122 10.41 18.65 -10.55
CA LEU A 122 9.45 17.62 -10.95
C LEU A 122 8.19 17.72 -10.12
N ALA A 123 8.34 17.91 -8.81
CA ALA A 123 7.17 18.10 -7.95
C ALA A 123 6.45 19.40 -8.30
N ARG A 124 7.21 20.46 -8.56
CA ARG A 124 6.61 21.73 -8.96
C ARG A 124 5.81 21.59 -10.24
N GLU A 125 6.34 20.82 -11.20
CA GLU A 125 5.60 20.56 -12.43
C GLU A 125 4.34 19.74 -12.15
N ALA A 126 4.45 18.71 -11.31
CA ALA A 126 3.28 17.92 -10.96
C ALA A 126 2.23 18.76 -10.24
N LEU A 127 2.68 19.64 -9.33
CA LEU A 127 1.75 20.52 -8.63
C LEU A 127 1.05 21.48 -9.58
N ARG A 128 1.73 21.92 -10.63
CA ARG A 128 1.11 22.79 -11.61
C ARG A 128 0.00 22.07 -12.37
N GLN A 129 0.24 20.82 -12.75
CA GLN A 129 -0.74 20.07 -13.52
C GLN A 129 -1.99 19.78 -12.71
N VAL A 130 -1.82 19.28 -11.48
CA VAL A 130 -3.00 18.97 -10.65
C VAL A 130 -3.76 20.25 -10.33
N LYS A 131 -3.05 21.35 -10.10
CA LYS A 131 -3.72 22.64 -9.88
C LYS A 131 -4.55 23.04 -11.10
N GLU A 132 -4.01 22.84 -12.30
CA GLU A 132 -4.77 23.11 -13.52
C GLU A 132 -5.93 22.12 -13.66
N ILE A 133 -5.69 20.85 -13.37
CA ILE A 133 -6.74 19.84 -13.43
C ILE A 133 -7.80 20.11 -12.37
N LEU A 134 -7.38 20.55 -11.18
CA LEU A 134 -8.32 20.78 -10.09
C LEU A 134 -9.34 21.85 -10.45
N GLU A 135 -8.86 23.01 -10.95
CA GLU A 135 -9.79 24.07 -11.34
C GLU A 135 -10.66 23.61 -12.50
N GLN A 136 -10.11 22.81 -13.41
CA GLN A 136 -10.92 22.27 -14.51
C GLN A 136 -11.94 21.27 -13.99
N ALA A 137 -11.51 20.36 -13.11
CA ALA A 137 -12.44 19.37 -12.57
C ALA A 137 -13.54 20.03 -11.76
N ARG A 138 -13.20 21.06 -10.99
CA ARG A 138 -14.21 21.81 -10.25
C ARG A 138 -15.18 22.52 -11.18
N LYS A 139 -14.69 23.00 -12.33
CA LYS A 139 -15.55 23.72 -13.26
C LYS A 139 -16.58 22.79 -13.90
N GLU A 140 -16.17 21.58 -14.30
CA GLU A 140 -17.10 20.64 -14.90
C GLU A 140 -18.03 19.99 -13.87
N GLY A 141 -17.79 20.20 -12.58
CA GLY A 141 -18.64 19.62 -11.56
C GLY A 141 -18.31 18.19 -11.20
N ASN A 142 -17.16 17.67 -11.65
CA ASN A 142 -16.76 16.29 -11.36
C ASN A 142 -16.05 16.27 -10.01
N LEU A 143 -16.84 16.09 -8.94
CA LEU A 143 -16.29 16.02 -7.61
C LEU A 143 -15.41 14.79 -7.42
N GLU A 144 -15.66 13.74 -8.20
CA GLU A 144 -14.83 12.54 -8.13
C GLU A 144 -13.40 12.83 -8.54
N LEU A 145 -13.21 13.64 -9.59
CA LEU A 145 -11.86 13.95 -10.08
C LEU A 145 -11.09 14.83 -9.11
N VAL A 146 -11.78 15.72 -8.37
CA VAL A 146 -11.06 16.53 -7.39
C VAL A 146 -10.53 15.66 -6.27
N ILE A 147 -11.23 14.55 -5.97
CA ILE A 147 -10.75 13.61 -4.96
C ILE A 147 -9.40 13.04 -5.36
N ILE A 148 -9.32 12.53 -6.59
CA ILE A 148 -8.06 12.00 -7.10
C ILE A 148 -7.00 13.09 -7.13
N ALA A 149 -7.39 14.30 -7.56
CA ALA A 149 -6.46 15.41 -7.59
C ALA A 149 -6.00 15.79 -6.19
N LEU A 150 -6.92 15.84 -5.23
CA LEU A 150 -6.52 16.13 -3.86
C LEU A 150 -5.69 15.00 -3.27
N ARG A 151 -6.02 13.75 -3.62
CA ARG A 151 -5.16 12.63 -3.24
C ARG A 151 -3.76 12.79 -3.80
N LEU A 152 -3.65 13.16 -5.08
CA LEU A 152 -2.35 13.45 -5.67
C LEU A 152 -1.71 14.67 -5.02
N HIS A 153 -2.50 15.73 -4.86
CA HIS A 153 -2.00 16.97 -4.25
C HIS A 153 -1.36 16.68 -2.89
N THR A 154 -2.00 15.83 -2.09
CA THR A 154 -1.43 15.46 -0.79
C THR A 154 -0.10 14.75 -0.94
N GLU A 155 0.02 13.88 -1.95
CA GLU A 155 1.23 13.09 -2.13
C GLU A 155 2.42 13.98 -2.50
N ILE A 156 2.16 15.04 -3.26
CA ILE A 156 3.21 16.01 -3.61
C ILE A 156 3.81 16.62 -2.35
N MET A 157 2.98 16.90 -1.35
CA MET A 157 3.47 17.42 -0.08
C MET A 157 4.51 16.49 0.54
N ARG A 158 4.26 15.18 0.49
CA ARG A 158 5.22 14.22 1.03
C ARG A 158 6.58 14.35 0.36
N VAL A 159 6.60 14.65 -0.94
CA VAL A 159 7.85 14.87 -1.64
C VAL A 159 8.53 16.14 -1.12
N LEU A 160 7.75 17.20 -0.92
CA LEU A 160 8.32 18.45 -0.45
C LEU A 160 8.84 18.32 0.98
N VAL A 161 8.22 17.45 1.78
CA VAL A 161 8.71 17.23 3.14
C VAL A 161 10.10 16.59 3.11
N GLU A 162 10.33 15.68 2.16
CA GLU A 162 11.62 15.01 2.08
C GLU A 162 12.71 15.95 1.57
N ILE A 163 12.37 16.81 0.62
CA ILE A 163 13.34 17.75 0.07
C ILE A 163 13.84 18.70 1.15
N TRP A 164 12.92 19.19 1.99
CA TRP A 164 13.31 20.06 3.09
C TRP A 164 14.19 19.31 4.08
N ARG A 165 13.90 18.02 4.30
CA ARG A 165 14.70 17.20 5.21
C ARG A 165 16.17 17.14 4.79
N HIS A 166 16.48 17.44 3.54
CA HIS A 166 17.86 17.42 3.06
C HIS A 166 18.58 18.71 3.42
N GLU B 3 12.19 29.79 2.14
CA GLU B 3 12.69 28.43 2.12
C GLU B 3 11.60 27.42 2.41
N GLU B 4 10.54 27.86 3.09
CA GLU B 4 9.43 27.00 3.46
C GLU B 4 8.27 27.24 2.49
N GLU B 5 8.38 26.61 1.33
CA GLU B 5 7.30 26.67 0.35
C GLU B 5 6.20 25.67 0.68
N LEU B 6 6.56 24.59 1.37
CA LEU B 6 5.58 23.59 1.78
C LEU B 6 4.61 24.14 2.82
N LYS B 7 5.03 25.13 3.61
CA LYS B 7 4.14 25.70 4.62
C LYS B 7 2.89 26.27 3.97
N LYS B 8 3.04 26.92 2.82
CA LYS B 8 1.87 27.37 2.07
C LYS B 8 1.10 26.18 1.49
N LEU B 9 1.83 25.22 0.93
CA LEU B 9 1.20 24.03 0.36
C LEU B 9 0.50 23.21 1.44
N LEU B 10 1.09 23.12 2.63
CA LEU B 10 0.46 22.39 3.72
C LEU B 10 -0.89 23.00 4.08
N GLU B 11 -0.93 24.32 4.25
CA GLU B 11 -2.19 25.00 4.53
C GLU B 11 -3.15 24.92 3.35
N GLU B 12 -2.61 24.99 2.12
CA GLU B 12 -3.44 24.90 0.94
C GLU B 12 -4.13 23.54 0.83
N ASN B 13 -3.43 22.47 1.22
CA ASN B 13 -4.01 21.14 1.10
C ASN B 13 -5.17 20.94 2.05
N ILE B 14 -4.98 21.27 3.34
CA ILE B 14 -6.03 21.06 4.33
C ILE B 14 -7.23 21.96 4.02
N LYS B 15 -6.97 23.18 3.55
CA LYS B 15 -8.06 24.09 3.21
C LYS B 15 -8.90 23.52 2.07
N LEU B 16 -8.25 23.01 1.02
CA LEU B 16 -9.00 22.42 -0.09
C LEU B 16 -9.77 21.19 0.36
N ILE B 17 -9.18 20.39 1.25
CA ILE B 17 -9.88 19.21 1.77
C ILE B 17 -11.05 19.63 2.64
N GLU B 18 -10.83 20.58 3.55
CA GLU B 18 -11.89 21.01 4.45
C GLU B 18 -13.05 21.64 3.69
N GLU B 19 -12.74 22.45 2.68
CA GLU B 19 -13.81 23.02 1.86
C GLU B 19 -14.57 21.93 1.11
N LEU B 20 -13.84 20.93 0.61
CA LEU B 20 -14.49 19.81 -0.06
C LEU B 20 -15.32 18.99 0.92
N LEU B 21 -14.81 18.79 2.14
CA LEU B 21 -15.52 17.99 3.13
C LEU B 21 -16.87 18.61 3.46
N GLU B 22 -16.92 19.93 3.65
CA GLU B 22 -18.19 20.60 3.90
C GLU B 22 -19.08 20.55 2.64
N GLU B 23 -18.47 20.64 1.46
CA GLU B 23 -19.24 20.60 0.22
C GLU B 23 -19.82 19.21 -0.01
N VAL B 24 -19.06 18.17 0.33
CA VAL B 24 -19.48 16.79 0.09
C VAL B 24 -20.31 16.25 1.25
N LYS B 25 -20.45 17.02 2.33
CA LYS B 25 -21.19 16.54 3.50
C LYS B 25 -22.62 16.20 3.12
N HIS B 26 -23.22 17.00 2.24
CA HIS B 26 -24.58 16.76 1.80
C HIS B 26 -24.67 15.75 0.67
N ASN B 27 -23.53 15.33 0.13
CA ASN B 27 -23.49 14.44 -1.04
C ASN B 27 -23.68 12.99 -0.60
N ASP B 28 -23.34 12.07 -1.49
CA ASP B 28 -23.50 10.65 -1.20
C ASP B 28 -22.49 10.20 -0.14
N PRO B 29 -22.88 9.29 0.76
CA PRO B 29 -21.92 8.81 1.77
C PRO B 29 -20.66 8.21 1.17
N GLU B 30 -20.77 7.52 0.03
CA GLU B 30 -19.59 6.97 -0.61
C GLU B 30 -18.61 8.07 -1.00
N LEU B 31 -19.11 9.19 -1.53
CA LEU B 31 -18.25 10.33 -1.81
C LEU B 31 -17.68 10.93 -0.53
N LEU B 32 -18.48 10.96 0.54
CA LEU B 32 -18.00 11.46 1.82
C LEU B 32 -16.86 10.59 2.35
N LEU B 33 -16.96 9.27 2.18
CA LEU B 33 -15.88 8.38 2.58
C LEU B 33 -14.61 8.66 1.80
N SER B 34 -14.75 9.06 0.53
CA SER B 34 -13.57 9.35 -0.29
C SER B 34 -12.81 10.55 0.26
N VAL B 35 -13.53 11.59 0.67
CA VAL B 35 -12.87 12.77 1.24
C VAL B 35 -12.21 12.41 2.57
N LEU B 36 -12.89 11.60 3.38
CA LEU B 36 -12.28 11.15 4.64
C LEU B 36 -11.06 10.28 4.40
N GLU B 37 -11.06 9.49 3.32
CA GLU B 37 -9.88 8.70 3.00
C GLU B 37 -8.68 9.58 2.69
N VAL B 38 -8.88 10.65 1.93
CA VAL B 38 -7.79 11.57 1.63
C VAL B 38 -7.41 12.37 2.88
N LEU B 39 -8.40 12.71 3.70
CA LEU B 39 -8.13 13.49 4.91
C LEU B 39 -7.18 12.76 5.85
N VAL B 40 -7.49 11.50 6.19
CA VAL B 40 -6.62 10.74 7.08
C VAL B 40 -5.28 10.46 6.40
N ARG B 41 -5.26 10.30 5.08
CA ARG B 41 -4.00 10.21 4.37
C ARG B 41 -3.22 11.51 4.48
N SER B 42 -3.92 12.64 4.39
CA SER B 42 -3.28 13.93 4.54
C SER B 42 -2.83 14.17 5.98
N VAL B 43 -3.65 13.77 6.96
CA VAL B 43 -3.32 14.03 8.35
C VAL B 43 -2.02 13.35 8.75
N HIS B 44 -1.74 12.18 8.19
CA HIS B 44 -0.50 11.49 8.53
C HIS B 44 0.72 12.31 8.12
N VAL B 45 0.67 12.98 6.96
CA VAL B 45 1.82 13.78 6.56
C VAL B 45 1.89 15.08 7.35
N ILE B 46 0.77 15.59 7.84
CA ILE B 46 0.86 16.78 8.68
C ILE B 46 1.47 16.41 10.02
N ALA B 47 1.23 15.18 10.49
CA ALA B 47 1.94 14.68 11.66
C ALA B 47 3.41 14.44 11.34
N GLU B 48 3.69 13.94 10.13
CA GLU B 48 5.06 13.70 9.72
C GLU B 48 5.84 15.01 9.56
N VAL B 49 5.15 16.10 9.25
CA VAL B 49 5.82 17.39 9.05
C VAL B 49 5.79 18.24 10.31
N ALA B 50 5.27 17.71 11.41
CA ALA B 50 5.31 18.38 12.69
C ALA B 50 6.27 17.72 13.67
N ARG B 51 6.66 16.47 13.41
CA ARG B 51 7.78 15.87 14.15
C ARG B 51 9.11 16.40 13.64
N GLU B 52 9.21 16.63 12.33
CA GLU B 52 10.39 17.31 11.78
C GLU B 52 10.46 18.74 12.29
N GLN B 53 9.33 19.45 12.26
CA GLN B 53 9.24 20.75 12.90
C GLN B 53 9.30 20.60 14.42
N GLY B 54 9.50 21.72 15.09
CA GLY B 54 9.16 21.86 16.49
C GLY B 54 7.73 22.27 16.70
N ASN B 55 6.90 22.18 15.66
CA ASN B 55 5.53 22.69 15.65
C ASN B 55 4.64 21.74 16.44
N GLU B 56 4.34 22.12 17.69
CA GLU B 56 3.33 21.41 18.47
C GLU B 56 1.93 21.88 18.08
N GLU B 57 1.80 23.11 17.60
CA GLU B 57 0.50 23.62 17.19
C GLU B 57 -0.05 22.83 16.01
N LEU B 58 0.81 22.42 15.08
CA LEU B 58 0.35 21.63 13.93
C LEU B 58 -0.17 20.27 14.36
N LEU B 59 0.39 19.71 15.44
CA LEU B 59 -0.13 18.44 15.97
C LEU B 59 -1.56 18.59 16.46
N GLU B 60 -1.86 19.71 17.12
CA GLU B 60 -3.22 19.96 17.58
C GLU B 60 -4.19 20.06 16.40
N ARG B 61 -3.74 20.69 15.31
CA ARG B 61 -4.59 20.78 14.11
C ARG B 61 -4.87 19.40 13.55
N ALA B 62 -3.83 18.58 13.39
CA ALA B 62 -4.02 17.23 12.85
C ALA B 62 -4.83 16.37 13.80
N ALA B 63 -4.62 16.52 15.11
CA ALA B 63 -5.40 15.76 16.08
C ALA B 63 -6.88 16.09 16.00
N ARG B 64 -7.21 17.37 15.83
CA ARG B 64 -8.61 17.76 15.70
C ARG B 64 -9.22 17.22 14.42
N LEU B 65 -8.47 17.28 13.31
CA LEU B 65 -8.98 16.77 12.05
C LEU B 65 -9.13 15.26 12.06
N ALA B 66 -8.17 14.55 12.66
CA ALA B 66 -8.29 13.11 12.78
C ALA B 66 -9.44 12.74 13.72
N GLU B 67 -9.62 13.51 14.80
CA GLU B 67 -10.76 13.29 15.68
C GLU B 67 -12.07 13.55 14.95
N GLU B 68 -12.12 14.61 14.15
CA GLU B 68 -13.35 14.94 13.42
C GLU B 68 -13.60 13.93 12.29
N ALA B 69 -12.52 13.46 11.66
CA ALA B 69 -12.66 12.42 10.63
C ALA B 69 -13.12 11.10 11.24
N ALA B 70 -12.75 10.82 12.49
CA ALA B 70 -13.16 9.59 13.14
C ALA B 70 -14.67 9.55 13.33
N TYR B 71 -15.25 10.65 13.82
CA TYR B 71 -16.68 10.70 14.05
C TYR B 71 -17.47 10.67 12.74
N GLN B 72 -16.92 11.29 11.69
CA GLN B 72 -17.60 11.27 10.40
C GLN B 72 -17.68 9.86 9.83
N ALA B 73 -16.60 9.09 9.97
CA ALA B 73 -16.64 7.69 9.54
C ALA B 73 -17.61 6.87 10.40
N GLU B 74 -17.68 7.18 11.69
CA GLU B 74 -18.58 6.45 12.58
C GLU B 74 -20.04 6.75 12.22
N GLU B 75 -20.36 7.99 11.90
CA GLU B 75 -21.72 8.34 11.53
C GLU B 75 -22.16 7.62 10.27
N VAL B 76 -21.27 7.56 9.27
CA VAL B 76 -21.58 6.83 8.05
C VAL B 76 -21.68 5.34 8.32
N ALA B 77 -20.88 4.82 9.24
CA ALA B 77 -20.95 3.40 9.58
C ALA B 77 -22.27 3.05 10.24
N ARG B 78 -22.76 3.91 11.14
CA ARG B 78 -24.02 3.65 11.82
C ARG B 78 -25.20 3.69 10.84
N GLU B 79 -25.24 4.72 9.98
CA GLU B 79 -26.35 4.84 9.04
C GLU B 79 -26.31 3.75 7.98
N ALA B 80 -25.11 3.40 7.49
CA ALA B 80 -25.01 2.38 6.45
C ALA B 80 -25.48 1.02 6.97
N ARG B 81 -25.07 0.64 8.18
CA ARG B 81 -25.53 -0.61 8.76
C ARG B 81 -27.02 -0.58 9.02
N LYS B 82 -27.55 0.57 9.42
CA LYS B 82 -29.00 0.69 9.61
C LYS B 82 -29.74 0.54 8.29
N ARG B 83 -29.18 1.05 7.20
CA ARG B 83 -29.78 0.95 5.88
C ARG B 83 -29.55 -0.41 5.22
N GLY B 84 -28.80 -1.30 5.86
CA GLY B 84 -28.60 -2.64 5.33
C GLY B 84 -27.43 -2.80 4.38
N ASN B 85 -26.62 -1.76 4.20
CA ASN B 85 -25.46 -1.82 3.30
C ASN B 85 -24.22 -2.14 4.14
N LEU B 86 -23.89 -3.44 4.21
CA LEU B 86 -22.71 -3.86 4.95
C LEU B 86 -21.42 -3.47 4.22
N GLU B 87 -21.47 -3.35 2.89
CA GLU B 87 -20.27 -3.00 2.14
C GLU B 87 -19.84 -1.57 2.44
N LEU B 88 -20.76 -0.61 2.27
CA LEU B 88 -20.43 0.78 2.58
C LEU B 88 -20.14 0.96 4.06
N ALA B 89 -20.83 0.20 4.92
CA ALA B 89 -20.55 0.26 6.34
C ALA B 89 -19.12 -0.20 6.64
N LEU B 90 -18.73 -1.37 6.11
CA LEU B 90 -17.40 -1.89 6.34
C LEU B 90 -16.33 -0.93 5.85
N LYS B 91 -16.59 -0.22 4.75
CA LYS B 91 -15.65 0.80 4.29
C LYS B 91 -15.51 1.90 5.34
N ALA B 92 -16.60 2.27 6.01
CA ALA B 92 -16.55 3.35 6.99
C ALA B 92 -15.69 2.98 8.20
N LEU B 93 -15.80 1.74 8.70
CA LEU B 93 -14.92 1.35 9.81
C LEU B 93 -13.45 1.34 9.38
N GLN B 94 -13.17 1.06 8.11
CA GLN B 94 -11.79 1.09 7.65
C GLN B 94 -11.19 2.48 7.79
N ILE B 95 -11.93 3.49 7.32
CA ILE B 95 -11.48 4.87 7.51
C ILE B 95 -11.48 5.24 8.99
N LEU B 96 -12.38 4.64 9.77
CA LEU B 96 -12.44 4.93 11.20
C LEU B 96 -11.16 4.48 11.91
N VAL B 97 -10.76 3.22 11.69
CA VAL B 97 -9.56 2.71 12.35
C VAL B 97 -8.32 3.43 11.83
N ASN B 98 -8.31 3.77 10.54
CA ASN B 98 -7.19 4.53 9.99
C ASN B 98 -7.07 5.89 10.68
N ALA B 99 -8.20 6.55 10.96
CA ALA B 99 -8.17 7.78 11.73
C ALA B 99 -7.68 7.54 13.15
N ALA B 100 -8.07 6.42 13.74
CA ALA B 100 -7.59 6.07 15.08
C ALA B 100 -6.10 5.79 15.07
N TYR B 101 -5.59 5.16 14.01
CA TYR B 101 -4.17 4.85 13.94
C TYR B 101 -3.32 6.12 13.94
N VAL B 102 -3.67 7.07 13.08
CA VAL B 102 -2.95 8.34 13.04
C VAL B 102 -3.15 9.12 14.34
N LEU B 103 -4.31 8.95 14.98
CA LEU B 103 -4.53 9.59 16.27
C LEU B 103 -3.59 9.04 17.34
N ALA B 104 -3.34 7.72 17.32
CA ALA B 104 -2.39 7.14 18.25
C ALA B 104 -0.99 7.69 17.99
N GLU B 105 -0.63 7.85 16.72
CA GLU B 105 0.66 8.45 16.38
C GLU B 105 0.74 9.89 16.87
N ILE B 106 -0.37 10.62 16.74
CA ILE B 106 -0.42 12.00 17.24
C ILE B 106 -0.24 12.02 18.76
N ALA B 107 -0.75 11.00 19.45
CA ALA B 107 -0.66 10.97 20.91
C ALA B 107 0.79 10.95 21.37
N ARG B 108 1.63 10.13 20.72
CA ARG B 108 3.03 10.05 21.09
C ARG B 108 3.71 11.38 20.78
N ASP B 109 4.26 12.02 21.82
CA ASP B 109 4.91 13.33 21.69
C ASP B 109 3.98 14.38 21.09
N ASN B 112 0.65 12.61 25.40
CA ASN B 112 -0.68 12.83 25.92
C ASN B 112 -1.44 11.50 25.97
N GLU B 113 -1.54 10.94 27.18
CA GLU B 113 -2.23 9.67 27.36
C GLU B 113 -3.72 9.76 27.02
N GLU B 114 -4.31 10.94 27.19
CA GLU B 114 -5.72 11.11 26.86
C GLU B 114 -5.96 10.93 25.36
N LEU B 115 -5.05 11.44 24.53
CA LEU B 115 -5.17 11.23 23.09
C LEU B 115 -4.93 9.76 22.74
N LEU B 116 -3.98 9.12 23.42
CA LEU B 116 -3.75 7.70 23.21
C LEU B 116 -4.94 6.88 23.64
N GLN B 117 -5.56 7.24 24.77
CA GLN B 117 -6.76 6.53 25.20
C GLN B 117 -7.94 6.85 24.29
N LYS B 118 -8.03 8.10 23.83
CA LYS B 118 -9.11 8.46 22.90
C LYS B 118 -9.01 7.65 21.61
N ALA B 119 -7.81 7.52 21.05
CA ALA B 119 -7.62 6.66 19.90
C ALA B 119 -7.90 5.21 20.23
N HIS B 120 -7.60 4.78 21.46
CA HIS B 120 -7.87 3.40 21.86
C HIS B 120 -9.35 3.09 21.82
N GLU B 121 -10.20 3.99 22.35
CA GLU B 121 -11.64 3.74 22.29
C GLU B 121 -12.17 3.77 20.86
N LEU B 122 -11.57 4.60 20.00
CA LEU B 122 -11.96 4.61 18.60
C LEU B 122 -11.66 3.27 17.95
N ALA B 123 -10.48 2.71 18.20
CA ALA B 123 -10.15 1.38 17.70
C ALA B 123 -11.00 0.31 18.38
N ARG B 124 -11.19 0.43 19.70
CA ARG B 124 -12.01 -0.55 20.43
C ARG B 124 -13.45 -0.56 19.92
N GLU B 125 -14.01 0.61 19.61
CA GLU B 125 -15.36 0.66 19.07
C GLU B 125 -15.42 0.03 17.68
N ALA B 126 -14.41 0.29 16.84
CA ALA B 126 -14.37 -0.31 15.51
C ALA B 126 -14.32 -1.83 15.60
N LEU B 127 -13.53 -2.38 16.52
CA LEU B 127 -13.48 -3.83 16.69
C LEU B 127 -14.82 -4.39 17.14
N ARG B 128 -15.55 -3.63 17.97
CA ARG B 128 -16.86 -4.07 18.41
C ARG B 128 -17.86 -4.07 17.26
N GLN B 129 -17.83 -3.03 16.43
CA GLN B 129 -18.77 -2.92 15.32
C GLN B 129 -18.53 -3.99 14.27
N VAL B 130 -17.28 -4.20 13.86
CA VAL B 130 -16.98 -5.20 12.83
C VAL B 130 -17.35 -6.59 13.34
N LYS B 131 -17.18 -6.84 14.63
CA LYS B 131 -17.59 -8.12 15.21
C LYS B 131 -19.07 -8.38 14.97
N GLU B 132 -19.90 -7.34 15.10
CA GLU B 132 -21.33 -7.51 14.82
C GLU B 132 -21.56 -7.79 13.33
N ILE B 133 -20.88 -7.08 12.45
CA ILE B 133 -21.03 -7.33 11.01
C ILE B 133 -20.48 -8.70 10.64
N LEU B 134 -19.35 -9.09 11.23
CA LEU B 134 -18.75 -10.38 10.91
C LEU B 134 -19.65 -11.53 11.37
N GLU B 135 -20.10 -11.48 12.62
CA GLU B 135 -20.98 -12.53 13.14
C GLU B 135 -22.30 -12.57 12.39
N GLN B 136 -22.80 -11.41 11.98
CA GLN B 136 -24.02 -11.37 11.17
C GLN B 136 -23.76 -11.94 9.78
N ALA B 137 -22.63 -11.58 9.16
CA ALA B 137 -22.33 -12.07 7.82
C ALA B 137 -22.22 -13.59 7.78
N ARG B 138 -21.65 -14.19 8.83
CA ARG B 138 -21.60 -15.65 8.91
C ARG B 138 -23.01 -16.24 8.98
N LYS B 139 -23.92 -15.54 9.66
CA LYS B 139 -25.30 -16.04 9.75
C LYS B 139 -26.00 -15.98 8.40
N GLU B 140 -25.78 -14.90 7.64
CA GLU B 140 -26.43 -14.77 6.34
C GLU B 140 -25.87 -15.71 5.29
N GLY B 141 -24.74 -16.36 5.55
CA GLY B 141 -24.16 -17.28 4.60
C GLY B 141 -23.34 -16.64 3.50
N ASN B 142 -23.09 -15.35 3.58
CA ASN B 142 -22.29 -14.64 2.57
C ASN B 142 -20.84 -14.75 2.98
N LEU B 143 -20.18 -15.83 2.53
CA LEU B 143 -18.78 -16.03 2.86
C LEU B 143 -17.89 -14.96 2.23
N GLU B 144 -18.31 -14.39 1.10
CA GLU B 144 -17.52 -13.32 0.48
C GLU B 144 -17.47 -12.10 1.37
N LEU B 145 -18.59 -11.74 2.00
CA LEU B 145 -18.62 -10.58 2.89
C LEU B 145 -17.84 -10.84 4.17
N VAL B 146 -17.78 -12.10 4.61
CA VAL B 146 -17.02 -12.43 5.80
C VAL B 146 -15.52 -12.21 5.58
N ILE B 147 -15.04 -12.42 4.35
CA ILE B 147 -13.65 -12.14 4.05
C ILE B 147 -13.34 -10.66 4.24
N ILE B 148 -14.19 -9.80 3.68
CA ILE B 148 -13.99 -8.36 3.83
C ILE B 148 -14.03 -7.97 5.30
N ALA B 149 -14.97 -8.52 6.06
CA ALA B 149 -15.04 -8.24 7.49
C ALA B 149 -13.82 -8.81 8.22
N LEU B 150 -13.42 -10.03 7.87
CA LEU B 150 -12.23 -10.61 8.48
C LEU B 150 -10.96 -9.87 8.04
N ARG B 151 -10.92 -9.40 6.80
CA ARG B 151 -9.82 -8.56 6.36
C ARG B 151 -9.74 -7.29 7.20
N LEU B 152 -10.89 -6.67 7.47
CA LEU B 152 -10.92 -5.51 8.36
C LEU B 152 -10.55 -5.92 9.79
N HIS B 153 -11.13 -7.00 10.28
CA HIS B 153 -10.89 -7.45 11.66
C HIS B 153 -9.41 -7.53 11.97
N THR B 154 -8.62 -8.07 11.03
CA THR B 154 -7.17 -8.10 11.23
C THR B 154 -6.59 -6.70 11.29
N GLU B 155 -7.12 -5.77 10.48
CA GLU B 155 -6.53 -4.43 10.41
C GLU B 155 -6.75 -3.65 11.71
N ILE B 156 -7.93 -3.74 12.32
CA ILE B 156 -8.11 -3.15 13.64
C ILE B 156 -7.23 -3.84 14.67
N MET B 157 -7.14 -5.17 14.59
CA MET B 157 -6.26 -5.91 15.49
C MET B 157 -4.81 -5.49 15.31
N ARG B 158 -4.35 -5.36 14.07
CA ARG B 158 -2.98 -4.92 13.80
C ARG B 158 -2.73 -3.53 14.36
N VAL B 159 -3.72 -2.65 14.26
CA VAL B 159 -3.61 -1.32 14.85
C VAL B 159 -3.63 -1.41 16.37
N LEU B 160 -4.48 -2.27 16.93
CA LEU B 160 -4.64 -2.36 18.38
C LEU B 160 -3.37 -2.85 19.08
N VAL B 161 -2.59 -3.71 18.43
CA VAL B 161 -1.33 -4.13 19.02
C VAL B 161 -0.36 -2.95 19.13
N GLU B 162 -0.48 -1.98 18.22
CA GLU B 162 0.44 -0.84 18.23
C GLU B 162 0.25 0.03 19.46
N ILE B 163 -0.98 0.16 19.97
CA ILE B 163 -1.19 0.92 21.20
C ILE B 163 -0.39 0.31 22.35
N TRP B 164 -0.36 -1.03 22.42
CA TRP B 164 0.47 -1.68 23.43
C TRP B 164 1.94 -1.40 23.18
N ARG B 165 2.36 -1.43 21.92
CA ARG B 165 3.74 -1.07 21.58
C ARG B 165 4.04 0.39 21.89
N HIS B 166 3.01 1.24 21.99
CA HIS B 166 3.17 2.65 22.29
C HIS B 166 3.29 2.94 23.78
N ARG B 167 3.68 1.95 24.59
CA ARG B 167 3.80 2.15 26.03
C ARG B 167 4.96 1.32 26.59
N GLU C 3 -2.34 -6.11 31.70
CA GLU C 3 -2.54 -5.22 30.58
C GLU C 3 -2.55 -5.99 29.27
N GLU C 4 -2.84 -7.28 29.37
CA GLU C 4 -2.87 -8.17 28.21
C GLU C 4 -4.31 -8.39 27.76
N GLU C 5 -4.97 -7.30 27.37
CA GLU C 5 -6.32 -7.38 26.83
C GLU C 5 -6.34 -7.75 25.35
N LEU C 6 -5.28 -7.43 24.63
CA LEU C 6 -5.18 -7.79 23.22
C LEU C 6 -5.02 -9.29 23.01
N LYS C 7 -4.53 -10.03 24.01
CA LYS C 7 -4.34 -11.46 23.86
C LYS C 7 -5.63 -12.17 23.48
N LYS C 8 -6.77 -11.71 24.01
CA LYS C 8 -8.05 -12.27 23.59
C LYS C 8 -8.33 -11.93 22.13
N LEU C 9 -8.11 -10.66 21.75
CA LEU C 9 -8.32 -10.27 20.36
C LEU C 9 -7.33 -10.96 19.44
N LEU C 10 -6.08 -11.12 19.88
CA LEU C 10 -5.10 -11.83 19.08
C LEU C 10 -5.51 -13.28 18.85
N GLU C 11 -5.92 -13.97 19.91
CA GLU C 11 -6.42 -15.33 19.76
C GLU C 11 -7.70 -15.37 18.96
N GLU C 12 -8.55 -14.36 19.12
CA GLU C 12 -9.79 -14.29 18.34
C GLU C 12 -9.51 -14.17 16.86
N ASN C 13 -8.46 -13.40 16.49
CA ASN C 13 -8.14 -13.21 15.08
C ASN C 13 -7.66 -14.52 14.46
N ILE C 14 -6.71 -15.19 15.12
CA ILE C 14 -6.19 -16.44 14.57
C ILE C 14 -7.26 -17.52 14.55
N LYS C 15 -8.11 -17.56 15.59
CA LYS C 15 -9.18 -18.54 15.63
C LYS C 15 -10.18 -18.33 14.51
N LEU C 16 -10.60 -17.08 14.30
CA LEU C 16 -11.55 -16.78 13.24
C LEU C 16 -10.96 -17.06 11.87
N ILE C 17 -9.67 -16.75 11.68
CA ILE C 17 -9.02 -16.99 10.39
C ILE C 17 -8.87 -18.48 10.13
N GLU C 18 -8.39 -19.23 11.13
CA GLU C 18 -8.17 -20.66 10.94
C GLU C 18 -9.47 -21.40 10.69
N GLU C 19 -10.54 -21.04 11.42
CA GLU C 19 -11.83 -21.67 11.20
C GLU C 19 -12.37 -21.37 9.81
N LEU C 20 -12.22 -20.12 9.36
CA LEU C 20 -12.67 -19.78 8.01
C LEU C 20 -11.79 -20.43 6.95
N LEU C 21 -10.48 -20.47 7.18
CA LEU C 21 -9.56 -21.01 6.17
C LEU C 21 -9.85 -22.48 5.86
N GLU C 22 -10.10 -23.28 6.89
CA GLU C 22 -10.41 -24.69 6.66
C GLU C 22 -11.76 -24.88 5.96
N GLU C 23 -12.73 -24.02 6.25
CA GLU C 23 -14.06 -24.18 5.66
C GLU C 23 -14.07 -23.83 4.18
N VAL C 24 -13.32 -22.80 3.78
CA VAL C 24 -13.37 -22.29 2.41
C VAL C 24 -12.40 -22.98 1.46
N LYS C 25 -11.57 -23.91 1.96
CA LYS C 25 -10.55 -24.52 1.11
C LYS C 25 -11.15 -25.27 -0.08
N HIS C 26 -12.27 -25.97 0.13
CA HIS C 26 -12.93 -26.73 -0.92
C HIS C 26 -13.88 -25.89 -1.77
N ASN C 27 -14.08 -24.62 -1.42
CA ASN C 27 -15.04 -23.76 -2.10
C ASN C 27 -14.44 -23.29 -3.41
N ASP C 28 -14.26 -21.98 -3.59
CA ASP C 28 -13.78 -21.48 -4.87
C ASP C 28 -12.30 -21.10 -4.81
N PRO C 29 -11.53 -21.41 -5.87
CA PRO C 29 -10.10 -21.08 -5.86
C PRO C 29 -9.82 -19.60 -5.68
N GLU C 30 -10.63 -18.75 -6.32
CA GLU C 30 -10.48 -17.31 -6.11
C GLU C 30 -10.77 -16.95 -4.66
N LEU C 31 -11.82 -17.55 -4.09
CA LEU C 31 -12.13 -17.32 -2.68
C LEU C 31 -11.04 -17.90 -1.78
N LEU C 32 -10.48 -19.06 -2.16
CA LEU C 32 -9.40 -19.65 -1.39
C LEU C 32 -8.16 -18.77 -1.41
N LEU C 33 -7.85 -18.16 -2.56
CA LEU C 33 -6.71 -17.26 -2.64
C LEU C 33 -6.93 -15.99 -1.81
N SER C 34 -8.17 -15.49 -1.78
CA SER C 34 -8.45 -14.25 -1.05
C SER C 34 -8.30 -14.44 0.45
N VAL C 35 -8.84 -15.54 1.00
CA VAL C 35 -8.70 -15.79 2.43
C VAL C 35 -7.24 -16.04 2.78
N LEU C 36 -6.51 -16.72 1.90
CA LEU C 36 -5.08 -16.91 2.13
C LEU C 36 -4.35 -15.58 2.21
N GLU C 37 -4.81 -14.58 1.44
CA GLU C 37 -4.26 -13.24 1.58
C GLU C 37 -4.54 -12.69 2.97
N VAL C 38 -5.75 -12.90 3.48
CA VAL C 38 -6.07 -12.49 4.85
C VAL C 38 -5.32 -13.38 5.83
N LEU C 39 -5.16 -14.66 5.50
CA LEU C 39 -4.42 -15.57 6.38
C LEU C 39 -2.99 -15.10 6.56
N VAL C 40 -2.29 -14.82 5.46
CA VAL C 40 -0.93 -14.33 5.54
C VAL C 40 -0.90 -12.95 6.18
N ARG C 41 -1.94 -12.15 5.96
CA ARG C 41 -2.07 -10.87 6.68
C ARG C 41 -2.26 -11.10 8.17
N SER C 42 -3.00 -12.14 8.55
CA SER C 42 -3.23 -12.43 9.96
C SER C 42 -1.96 -12.86 10.67
N VAL C 43 -1.12 -13.68 10.02
CA VAL C 43 0.09 -14.18 10.67
C VAL C 43 1.03 -13.04 11.04
N HIS C 44 0.97 -11.92 10.31
CA HIS C 44 1.87 -10.79 10.59
C HIS C 44 1.77 -10.32 12.03
N VAL C 45 0.62 -10.52 12.69
CA VAL C 45 0.47 -10.10 14.07
C VAL C 45 1.36 -10.89 15.01
N ILE C 46 1.90 -12.03 14.55
CA ILE C 46 2.83 -12.82 15.36
C ILE C 46 4.14 -12.10 15.63
N ALA C 47 4.40 -10.97 14.94
CA ALA C 47 5.61 -10.21 15.20
C ALA C 47 5.73 -9.82 16.68
N GLU C 48 4.62 -9.57 17.35
CA GLU C 48 4.65 -9.29 18.79
C GLU C 48 5.06 -10.56 19.52
N VAL C 49 6.28 -10.58 20.05
CA VAL C 49 6.83 -11.76 20.69
C VAL C 49 6.65 -11.66 22.20
N ALA C 50 5.50 -11.14 22.62
CA ALA C 50 5.13 -11.07 24.03
C ALA C 50 6.18 -10.32 24.85
N GLU C 56 6.67 -16.69 21.94
CA GLU C 56 5.87 -17.43 22.91
C GLU C 56 5.28 -18.68 22.30
N GLU C 57 4.39 -19.35 23.05
CA GLU C 57 3.74 -20.55 22.53
C GLU C 57 2.85 -20.21 21.35
N LEU C 58 2.16 -19.06 21.41
CA LEU C 58 1.33 -18.64 20.28
C LEU C 58 2.17 -18.32 19.06
N LEU C 59 3.41 -17.87 19.26
CA LEU C 59 4.30 -17.57 18.13
C LEU C 59 4.56 -18.82 17.30
N GLU C 60 4.77 -19.96 17.96
CA GLU C 60 4.98 -21.21 17.22
C GLU C 60 3.74 -21.61 16.44
N ARG C 61 2.55 -21.40 17.02
CA ARG C 61 1.31 -21.74 16.32
C ARG C 61 1.12 -20.90 15.08
N ALA C 62 1.29 -19.58 15.19
CA ALA C 62 1.11 -18.70 14.04
C ALA C 62 2.17 -18.94 12.98
N ALA C 63 3.40 -19.22 13.40
CA ALA C 63 4.45 -19.53 12.44
C ALA C 63 4.13 -20.79 11.65
N ARG C 64 3.52 -21.78 12.31
CA ARG C 64 3.09 -22.99 11.61
C ARG C 64 2.00 -22.68 10.59
N LEU C 65 1.11 -21.76 10.91
CA LEU C 65 0.02 -21.41 10.00
C LEU C 65 0.56 -20.79 8.71
N ALA C 66 1.62 -19.99 8.82
CA ALA C 66 2.24 -19.42 7.63
C ALA C 66 2.83 -20.50 6.73
N GLU C 67 3.40 -21.55 7.34
CA GLU C 67 3.90 -22.67 6.56
C GLU C 67 2.78 -23.36 5.78
N GLU C 68 1.62 -23.56 6.42
CA GLU C 68 0.52 -24.23 5.74
C GLU C 68 -0.10 -23.35 4.66
N ALA C 69 -0.14 -22.04 4.87
CA ALA C 69 -0.66 -21.13 3.85
C ALA C 69 0.24 -21.07 2.62
N ALA C 70 1.55 -21.28 2.79
CA ALA C 70 2.47 -21.21 1.66
C ALA C 70 2.17 -22.30 0.63
N TYR C 71 1.97 -23.53 1.09
CA TYR C 71 1.75 -24.64 0.16
C TYR C 71 0.41 -24.54 -0.55
N GLN C 72 -0.62 -24.01 0.12
CA GLN C 72 -1.93 -23.88 -0.51
C GLN C 72 -1.89 -22.92 -1.69
N ALA C 73 -1.16 -21.81 -1.56
CA ALA C 73 -1.01 -20.89 -2.68
C ALA C 73 -0.28 -21.56 -3.84
N GLU C 74 0.73 -22.39 -3.53
CA GLU C 74 1.45 -23.09 -4.58
C GLU C 74 0.57 -24.13 -5.26
N GLU C 75 -0.24 -24.84 -4.47
CA GLU C 75 -1.14 -25.84 -5.04
C GLU C 75 -2.15 -25.21 -5.99
N VAL C 76 -2.71 -24.07 -5.60
CA VAL C 76 -3.63 -23.36 -6.49
C VAL C 76 -2.88 -22.83 -7.71
N ALA C 77 -1.62 -22.43 -7.52
CA ALA C 77 -0.82 -21.98 -8.65
C ALA C 77 -0.53 -23.12 -9.62
N ARG C 78 -0.26 -24.31 -9.10
CA ARG C 78 -0.01 -25.46 -9.95
C ARG C 78 -1.25 -25.84 -10.75
N GLU C 79 -2.41 -25.87 -10.08
CA GLU C 79 -3.65 -26.23 -10.75
C GLU C 79 -4.06 -25.17 -11.77
N ALA C 80 -3.84 -23.89 -11.45
CA ALA C 80 -4.20 -22.82 -12.37
C ALA C 80 -3.41 -22.92 -13.66
N ARG C 81 -2.09 -23.16 -13.56
CA ARG C 81 -1.29 -23.35 -14.77
C ARG C 81 -1.69 -24.63 -15.49
N LYS C 82 -2.04 -25.68 -14.75
CA LYS C 82 -2.51 -26.91 -15.36
C LYS C 82 -3.84 -26.70 -16.08
N ARG C 83 -4.72 -25.89 -15.50
CA ARG C 83 -6.01 -25.60 -16.13
C ARG C 83 -5.91 -24.57 -17.23
N GLY C 84 -4.73 -24.00 -17.45
CA GLY C 84 -4.49 -23.06 -18.52
C GLY C 84 -4.79 -21.62 -18.20
N ASN C 85 -5.18 -21.29 -16.96
CA ASN C 85 -5.46 -19.92 -16.57
C ASN C 85 -4.23 -19.37 -15.86
N LEU C 86 -3.40 -18.62 -16.59
CA LEU C 86 -2.22 -18.03 -16.00
C LEU C 86 -2.54 -16.91 -15.01
N GLU C 87 -3.73 -16.30 -15.12
CA GLU C 87 -4.07 -15.18 -14.26
C GLU C 87 -4.15 -15.59 -12.78
N LEU C 88 -4.95 -16.60 -12.47
CA LEU C 88 -5.01 -17.06 -11.07
C LEU C 88 -3.67 -17.57 -10.59
N ALA C 89 -2.86 -18.15 -11.48
CA ALA C 89 -1.54 -18.60 -11.09
C ALA C 89 -0.69 -17.44 -10.59
N LEU C 90 -0.62 -16.34 -11.36
CA LEU C 90 0.13 -15.18 -10.92
C LEU C 90 -0.45 -14.60 -9.64
N LYS C 91 -1.77 -14.59 -9.50
CA LYS C 91 -2.39 -14.19 -8.25
C LYS C 91 -2.03 -15.15 -7.13
N ALA C 92 -2.08 -16.46 -7.40
CA ALA C 92 -1.73 -17.44 -6.38
C ALA C 92 -0.25 -17.37 -6.05
N LEU C 93 0.59 -17.21 -7.08
CA LEU C 93 2.02 -17.04 -6.83
C LEU C 93 2.31 -15.78 -6.03
N GLN C 94 1.49 -14.74 -6.21
CA GLN C 94 1.68 -13.51 -5.44
C GLN C 94 1.50 -13.76 -3.95
N ILE C 95 0.41 -14.44 -3.57
CA ILE C 95 0.17 -14.76 -2.17
C ILE C 95 1.27 -15.67 -1.64
N LEU C 96 1.89 -16.47 -2.50
CA LEU C 96 3.00 -17.32 -2.10
C LEU C 96 4.17 -16.47 -1.62
N VAL C 97 4.52 -15.43 -2.40
CA VAL C 97 5.68 -14.60 -2.06
C VAL C 97 5.47 -13.84 -0.74
N ASN C 98 4.26 -13.33 -0.50
CA ASN C 98 4.02 -12.70 0.80
C ASN C 98 4.12 -13.73 1.92
N ALA C 99 3.64 -14.95 1.68
CA ALA C 99 3.81 -16.01 2.67
C ALA C 99 5.29 -16.31 2.89
N ALA C 100 6.09 -16.30 1.82
CA ALA C 100 7.53 -16.46 1.97
C ALA C 100 8.14 -15.26 2.70
N TYR C 101 7.63 -14.06 2.43
CA TYR C 101 8.16 -12.86 3.07
C TYR C 101 7.92 -12.89 4.58
N VAL C 102 6.68 -13.16 4.99
CA VAL C 102 6.36 -13.21 6.42
C VAL C 102 7.08 -14.35 7.10
N LEU C 103 7.32 -15.46 6.39
CA LEU C 103 8.06 -16.57 6.97
C LEU C 103 9.51 -16.19 7.25
N ALA C 104 10.13 -15.44 6.34
CA ALA C 104 11.52 -15.00 6.57
C ALA C 104 11.62 -14.06 7.76
N GLU C 105 10.65 -13.15 7.92
CA GLU C 105 10.68 -12.24 9.05
C GLU C 105 10.55 -12.98 10.38
N ILE C 106 9.68 -13.99 10.43
CA ILE C 106 9.53 -14.78 11.65
C ILE C 106 10.81 -15.54 11.95
N ALA C 107 11.52 -15.98 10.91
CA ALA C 107 12.75 -16.75 11.11
C ALA C 107 13.80 -15.94 11.86
N ARG C 108 13.98 -14.67 11.48
CA ARG C 108 14.98 -13.84 12.13
C ARG C 108 14.66 -13.58 13.61
N ASP C 109 13.40 -13.69 14.00
CA ASP C 109 13.04 -13.45 15.40
C ASP C 109 13.59 -14.55 16.31
N ARG C 110 13.28 -15.80 15.99
CA ARG C 110 13.77 -16.94 16.76
C ARG C 110 15.12 -17.46 16.26
N GLY C 111 15.68 -16.85 15.22
CA GLY C 111 16.97 -17.27 14.72
C GLY C 111 16.97 -18.61 14.01
N ASN C 112 15.82 -19.08 13.54
CA ASN C 112 15.74 -20.36 12.84
C ASN C 112 16.36 -20.21 11.46
N GLU C 113 17.61 -20.65 11.32
CA GLU C 113 18.29 -20.57 10.03
C GLU C 113 17.65 -21.47 9.00
N GLU C 114 17.06 -22.59 9.43
CA GLU C 114 16.38 -23.49 8.48
C GLU C 114 15.15 -22.83 7.89
N LEU C 115 14.41 -22.06 8.69
CA LEU C 115 13.23 -21.35 8.18
C LEU C 115 13.63 -20.26 7.20
N LEU C 116 14.75 -19.59 7.45
CA LEU C 116 15.21 -18.55 6.53
C LEU C 116 15.55 -19.14 5.16
N GLN C 117 16.22 -20.30 5.15
CA GLN C 117 16.50 -20.96 3.88
C GLN C 117 15.23 -21.51 3.25
N LYS C 118 14.32 -22.02 4.07
CA LYS C 118 13.05 -22.52 3.56
C LYS C 118 12.23 -21.39 2.92
N ALA C 119 12.13 -20.25 3.61
CA ALA C 119 11.43 -19.10 3.05
C ALA C 119 12.11 -18.59 1.79
N HIS C 120 13.43 -18.65 1.74
CA HIS C 120 14.15 -18.22 0.56
C HIS C 120 13.82 -19.10 -0.64
N GLU C 121 13.71 -20.42 -0.42
CA GLU C 121 13.39 -21.34 -1.50
C GLU C 121 12.01 -21.13 -2.09
N LEU C 122 11.03 -20.74 -1.26
CA LEU C 122 9.71 -20.42 -1.80
C LEU C 122 9.78 -19.23 -2.75
N ALA C 123 10.50 -18.18 -2.34
CA ALA C 123 10.68 -17.03 -3.22
C ALA C 123 11.50 -17.39 -4.45
N ARG C 124 12.58 -18.16 -4.26
CA ARG C 124 13.39 -18.57 -5.39
C ARG C 124 12.58 -19.40 -6.39
N GLU C 125 11.74 -20.31 -5.88
CA GLU C 125 10.87 -21.07 -6.76
C GLU C 125 9.80 -20.18 -7.38
N ALA C 126 9.22 -19.27 -6.59
CA ALA C 126 8.20 -18.37 -7.12
C ALA C 126 8.73 -17.54 -8.27
N LEU C 127 9.98 -17.07 -8.16
CA LEU C 127 10.60 -16.36 -9.28
C LEU C 127 10.76 -17.26 -10.49
N ARG C 128 11.00 -18.56 -10.27
CA ARG C 128 11.14 -19.50 -11.38
C ARG C 128 9.83 -19.67 -12.15
N GLN C 129 8.71 -19.80 -11.44
CA GLN C 129 7.43 -19.97 -12.12
C GLN C 129 7.04 -18.69 -12.86
N VAL C 130 7.16 -17.55 -12.19
CA VAL C 130 6.77 -16.28 -12.80
C VAL C 130 7.63 -16.01 -14.03
N LYS C 131 8.91 -16.40 -13.99
CA LYS C 131 9.76 -16.29 -15.17
C LYS C 131 9.21 -17.11 -16.33
N GLU C 132 8.70 -18.31 -16.03
CA GLU C 132 8.09 -19.14 -17.06
C GLU C 132 6.81 -18.51 -17.61
N ILE C 133 5.97 -17.97 -16.73
CA ILE C 133 4.75 -17.32 -17.17
C ILE C 133 5.06 -16.09 -18.01
N LEU C 134 6.10 -15.34 -17.63
CA LEU C 134 6.44 -14.12 -18.35
C LEU C 134 6.82 -14.43 -19.80
N GLU C 135 7.72 -15.40 -19.99
CA GLU C 135 8.10 -15.78 -21.36
C GLU C 135 6.92 -16.38 -22.11
N GLN C 136 6.06 -17.12 -21.40
CA GLN C 136 4.86 -17.66 -22.03
C GLN C 136 3.87 -16.55 -22.38
N ALA C 137 3.66 -15.60 -21.47
CA ALA C 137 2.72 -14.51 -21.73
C ALA C 137 3.18 -13.66 -22.91
N ARG C 138 4.48 -13.40 -23.02
CA ARG C 138 4.99 -12.70 -24.18
C ARG C 138 4.83 -13.54 -25.44
N LYS C 139 5.00 -14.85 -25.31
CA LYS C 139 4.83 -15.74 -26.47
C LYS C 139 3.37 -15.82 -26.88
N GLU C 140 2.46 -15.89 -25.91
CA GLU C 140 1.03 -15.98 -26.21
C GLU C 140 0.46 -14.67 -26.71
N GLY C 141 1.20 -13.57 -26.60
CA GLY C 141 0.76 -12.27 -27.08
C GLY C 141 -0.15 -11.51 -26.15
N ASN C 142 -0.34 -11.97 -24.92
CA ASN C 142 -1.18 -11.26 -23.95
C ASN C 142 -0.26 -10.30 -23.24
N LEU C 143 -0.10 -9.10 -23.81
CA LEU C 143 0.78 -8.10 -23.21
C LEU C 143 0.30 -7.63 -21.86
N GLU C 144 -1.02 -7.68 -21.62
CA GLU C 144 -1.55 -7.30 -20.31
C GLU C 144 -1.04 -8.24 -19.22
N LEU C 145 -0.98 -9.54 -19.51
CA LEU C 145 -0.51 -10.50 -18.51
C LEU C 145 0.98 -10.35 -18.23
N VAL C 146 1.76 -9.89 -19.22
CA VAL C 146 3.19 -9.71 -18.99
C VAL C 146 3.42 -8.61 -17.96
N ILE C 147 2.56 -7.59 -17.95
CA ILE C 147 2.63 -6.55 -16.92
C ILE C 147 2.37 -7.16 -15.55
N ILE C 148 1.29 -7.95 -15.45
CA ILE C 148 0.96 -8.61 -14.19
C ILE C 148 2.09 -9.55 -13.77
N ALA C 149 2.65 -10.30 -14.72
CA ALA C 149 3.78 -11.17 -14.40
C ALA C 149 5.01 -10.36 -14.01
N LEU C 150 5.28 -9.27 -14.75
CA LEU C 150 6.40 -8.40 -14.38
C LEU C 150 6.12 -7.68 -13.06
N ARG C 151 4.85 -7.33 -12.81
CA ARG C 151 4.49 -6.79 -11.50
C ARG C 151 4.83 -7.77 -10.39
N LEU C 152 4.53 -9.05 -10.60
CA LEU C 152 4.90 -10.07 -9.62
C LEU C 152 6.42 -10.20 -9.52
N HIS C 153 7.10 -10.23 -10.67
CA HIS C 153 8.55 -10.41 -10.69
C HIS C 153 9.27 -9.42 -9.77
N THR C 154 8.83 -8.17 -9.76
CA THR C 154 9.45 -7.18 -8.88
C THR C 154 9.28 -7.56 -7.41
N GLU C 155 8.11 -8.10 -7.05
CA GLU C 155 7.85 -8.39 -5.65
C GLU C 155 8.72 -9.53 -5.12
N ILE C 156 8.95 -10.57 -5.93
CA ILE C 156 9.88 -11.61 -5.49
C ILE C 156 11.27 -11.02 -5.29
N MET C 157 11.70 -10.16 -6.20
CA MET C 157 12.99 -9.50 -6.04
C MET C 157 13.05 -8.69 -4.76
N ARG C 158 11.98 -7.94 -4.47
CA ARG C 158 11.93 -7.17 -3.23
C ARG C 158 12.02 -8.08 -2.01
N VAL C 159 11.31 -9.21 -2.04
CA VAL C 159 11.42 -10.18 -0.95
C VAL C 159 12.79 -10.84 -0.94
N LEU C 160 13.30 -11.20 -2.13
CA LEU C 160 14.61 -11.84 -2.19
C LEU C 160 15.72 -10.90 -1.78
N VAL C 161 15.57 -9.60 -2.08
CA VAL C 161 16.54 -8.62 -1.63
C VAL C 161 16.51 -8.50 -0.11
N GLU C 162 15.32 -8.63 0.48
CA GLU C 162 15.19 -8.53 1.93
C GLU C 162 15.82 -9.73 2.63
N ILE C 163 15.68 -10.92 2.01
CA ILE C 163 16.29 -12.13 2.57
C ILE C 163 17.80 -11.98 2.64
N TRP C 164 18.40 -11.38 1.61
CA TRP C 164 19.85 -11.13 1.62
C TRP C 164 20.23 -10.18 2.75
N ARG C 165 19.38 -9.19 3.04
CA ARG C 165 19.63 -8.28 4.14
C ARG C 165 19.70 -8.98 5.49
N HIS C 166 19.18 -10.20 5.59
CA HIS C 166 19.21 -10.93 6.86
C HIS C 166 20.57 -11.57 7.10
N ARG C 167 20.98 -12.47 6.21
CA ARG C 167 22.26 -13.15 6.34
C ARG C 167 23.42 -12.21 6.02
#